data_2HYU
#
_entry.id   2HYU
#
_cell.length_a   107.934
_cell.length_b   54.301
_cell.length_c   68.896
_cell.angle_alpha   90.00
_cell.angle_beta   90.00
_cell.angle_gamma   90.00
#
_symmetry.space_group_name_H-M   'P 21 21 2'
#
loop_
_entity.id
_entity.type
_entity.pdbx_description
1 polymer 'Annexin A2'
2 branched '4-deoxy-2-O-sulfo-alpha-L-threo-hex-4-enopyranuronic acid-(1-4)-2-deoxy-6-O-sulfo-2-(sulfoamino)-alpha-D-glucopyranose-(1-4)-2-O-sulfo-alpha-L-idopyranuronic acid-(1-4)-2-deoxy-6-O-sulfo-2-(sulfoamino)-alpha-D-glucopyranose'
3 non-polymer 'CALCIUM ION'
4 water water
#
_entity_poly.entity_id   1
_entity_poly.type   'polypeptide(L)'
_entity_poly.pdbx_seq_one_letter_code
;NFDAERDALNIETAIKTKGVDEVTIVNILTNRSNAQRQDIAFAYQRRTKKELASALKSALSGHLETVILGLLKTPAQYDA
SELKASMKGLGTDEDSLIEIICSRTNQELQEINRVYKEMYKTDLEKDIISDTSGDFRKLMVALAKGRRAEDGSVIDYELI
DQDARDLYDAGVKRKGTDVPKWISIMTERSVPHLQKVFDRYKSYSPYDMLESIRKEVKGDLENAFLNLVQCIQNKPLYFA
DRLYDSMKGKGTRDKVLIRIMVSRSEVDMLKIRSEFKRKYGKSLYYYIQQDTKGDYQKALLYLCGGDD
;
_entity_poly.pdbx_strand_id   A
#
# COMPACT_ATOMS: atom_id res chain seq x y z
N ASN A 1 -29.36 -0.13 7.61
CA ASN A 1 -29.56 0.26 6.19
C ASN A 1 -28.97 -0.82 5.27
N PHE A 2 -27.80 -1.31 5.65
CA PHE A 2 -27.12 -2.35 4.87
C PHE A 2 -27.90 -3.67 4.90
N ASP A 3 -28.07 -4.27 3.72
CA ASP A 3 -28.78 -5.54 3.59
C ASP A 3 -28.00 -6.41 2.61
N ALA A 4 -27.21 -7.33 3.15
CA ALA A 4 -26.37 -8.23 2.34
C ALA A 4 -27.17 -9.09 1.36
N GLU A 5 -28.31 -9.61 1.81
CA GLU A 5 -29.14 -10.45 0.96
C GLU A 5 -29.68 -9.66 -0.23
N ARG A 6 -30.04 -8.40 0.01
CA ARG A 6 -30.56 -7.53 -1.02
C ARG A 6 -29.46 -7.21 -2.04
N ASP A 7 -28.27 -6.90 -1.54
CA ASP A 7 -27.14 -6.57 -2.42
C ASP A 7 -26.74 -7.78 -3.28
N ALA A 8 -26.66 -8.96 -2.67
CA ALA A 8 -26.29 -10.15 -3.41
C ALA A 8 -27.29 -10.43 -4.52
N LEU A 9 -28.58 -10.27 -4.22
CA LEU A 9 -29.61 -10.49 -5.23
C LEU A 9 -29.43 -9.52 -6.40
N ASN A 10 -29.25 -8.24 -6.09
CA ASN A 10 -29.08 -7.25 -7.14
C ASN A 10 -27.82 -7.48 -7.98
N ILE A 11 -26.78 -8.01 -7.35
CA ILE A 11 -25.55 -8.28 -8.07
C ILE A 11 -25.78 -9.48 -9.00
N GLU A 12 -26.45 -10.51 -8.51
CA GLU A 12 -26.73 -11.69 -9.34
C GLU A 12 -27.54 -11.27 -10.58
N THR A 13 -28.55 -10.43 -10.38
CA THR A 13 -29.38 -9.96 -11.47
C THR A 13 -28.53 -9.17 -12.48
N ALA A 14 -27.58 -8.39 -11.98
CA ALA A 14 -26.70 -7.61 -12.84
C ALA A 14 -25.78 -8.52 -13.64
N ILE A 15 -25.30 -9.58 -13.00
CA ILE A 15 -24.41 -10.53 -13.66
C ILE A 15 -25.12 -11.30 -14.76
N LYS A 16 -26.39 -11.65 -14.52
CA LYS A 16 -27.15 -12.41 -15.49
C LYS A 16 -27.85 -11.57 -16.55
N THR A 17 -27.80 -10.26 -16.42
CA THR A 17 -28.42 -9.36 -17.39
C THR A 17 -27.64 -9.51 -18.70
N LYS A 18 -28.35 -9.46 -19.82
CA LYS A 18 -27.68 -9.59 -21.11
C LYS A 18 -26.58 -8.55 -21.24
N GLY A 19 -25.37 -9.00 -21.55
CA GLY A 19 -24.24 -8.10 -21.70
C GLY A 19 -23.57 -7.73 -20.38
N VAL A 20 -24.20 -8.12 -19.27
CA VAL A 20 -23.69 -7.85 -17.93
C VAL A 20 -23.85 -6.37 -17.56
N ASP A 21 -24.49 -6.12 -16.42
CA ASP A 21 -24.71 -4.76 -15.95
C ASP A 21 -23.59 -4.34 -15.00
N GLU A 22 -22.46 -3.92 -15.57
CA GLU A 22 -21.30 -3.50 -14.78
C GLU A 22 -21.60 -2.30 -13.88
N VAL A 23 -22.41 -1.37 -14.38
CA VAL A 23 -22.74 -0.18 -13.60
C VAL A 23 -23.32 -0.53 -12.23
N THR A 24 -24.32 -1.38 -12.19
CA THR A 24 -24.94 -1.77 -10.93
C THR A 24 -23.93 -2.46 -10.01
N ILE A 25 -23.09 -3.31 -10.58
CA ILE A 25 -22.08 -4.03 -9.80
C ILE A 25 -21.12 -3.02 -9.15
N VAL A 26 -20.66 -2.06 -9.93
CA VAL A 26 -19.76 -1.02 -9.43
C VAL A 26 -20.47 -0.13 -8.41
N ASN A 27 -21.67 0.33 -8.73
CA ASN A 27 -22.45 1.19 -7.85
C ASN A 27 -22.59 0.59 -6.44
N ILE A 28 -22.74 -0.73 -6.38
CA ILE A 28 -22.89 -1.37 -5.08
C ILE A 28 -21.57 -1.64 -4.37
N LEU A 29 -20.74 -2.49 -4.96
CA LEU A 29 -19.47 -2.87 -4.34
C LEU A 29 -18.50 -1.74 -3.99
N THR A 30 -18.45 -0.69 -4.79
CA THR A 30 -17.52 0.39 -4.45
C THR A 30 -18.13 1.38 -3.47
N ASN A 31 -19.34 1.09 -2.98
CA ASN A 31 -20.02 1.93 -2.01
C ASN A 31 -20.42 1.13 -0.77
N ARG A 32 -19.64 0.08 -0.51
CA ARG A 32 -19.83 -0.80 0.65
C ARG A 32 -18.43 -0.99 1.25
N SER A 33 -18.37 -1.11 2.58
CA SER A 33 -17.10 -1.29 3.26
C SER A 33 -16.57 -2.69 2.96
N ASN A 34 -15.29 -2.91 3.25
CA ASN A 34 -14.70 -4.23 3.01
C ASN A 34 -15.48 -5.30 3.78
N ALA A 35 -15.81 -4.99 5.03
CA ALA A 35 -16.55 -5.94 5.86
C ALA A 35 -17.91 -6.27 5.26
N GLN A 36 -18.58 -5.26 4.70
CA GLN A 36 -19.89 -5.47 4.09
C GLN A 36 -19.76 -6.29 2.82
N ARG A 37 -18.65 -6.13 2.10
CA ARG A 37 -18.44 -6.88 0.87
C ARG A 37 -18.22 -8.35 1.22
N GLN A 38 -17.66 -8.61 2.39
CA GLN A 38 -17.47 -9.98 2.83
C GLN A 38 -18.85 -10.58 3.12
N ASP A 39 -19.72 -9.77 3.73
CA ASP A 39 -21.07 -10.22 4.05
C ASP A 39 -21.83 -10.48 2.74
N ILE A 40 -21.60 -9.63 1.76
CA ILE A 40 -22.27 -9.80 0.47
C ILE A 40 -21.79 -11.10 -0.19
N ALA A 41 -20.51 -11.41 -0.04
CA ALA A 41 -19.97 -12.62 -0.64
C ALA A 41 -20.60 -13.88 -0.04
N PHE A 42 -20.76 -13.92 1.27
CA PHE A 42 -21.37 -15.07 1.91
C PHE A 42 -22.84 -15.18 1.52
N ALA A 43 -23.52 -14.05 1.43
CA ALA A 43 -24.93 -14.05 1.05
C ALA A 43 -25.10 -14.53 -0.39
N TYR A 44 -24.15 -14.17 -1.25
CA TYR A 44 -24.23 -14.56 -2.65
C TYR A 44 -24.17 -16.08 -2.81
N GLN A 45 -23.21 -16.71 -2.16
CA GLN A 45 -23.06 -18.15 -2.25
C GLN A 45 -24.22 -18.84 -1.54
N ARG A 46 -24.71 -18.22 -0.47
CA ARG A 46 -25.83 -18.78 0.27
C ARG A 46 -27.07 -18.87 -0.62
N ARG A 47 -27.25 -17.85 -1.47
CA ARG A 47 -28.39 -17.77 -2.39
C ARG A 47 -28.25 -18.57 -3.69
N THR A 48 -27.09 -18.45 -4.34
CA THR A 48 -26.87 -19.12 -5.63
C THR A 48 -26.06 -20.41 -5.58
N LYS A 49 -25.35 -20.63 -4.48
CA LYS A 49 -24.50 -21.81 -4.35
C LYS A 49 -23.26 -21.68 -5.22
N LYS A 50 -22.98 -20.44 -5.63
CA LYS A 50 -21.81 -20.14 -6.46
C LYS A 50 -21.03 -19.07 -5.72
N GLU A 51 -19.71 -19.05 -5.87
CA GLU A 51 -18.89 -18.04 -5.19
C GLU A 51 -18.97 -16.73 -5.97
N LEU A 52 -19.08 -15.62 -5.23
CA LEU A 52 -19.17 -14.31 -5.85
C LEU A 52 -17.92 -13.97 -6.66
N ALA A 53 -16.75 -14.17 -6.06
CA ALA A 53 -15.49 -13.87 -6.74
C ALA A 53 -15.38 -14.56 -8.10
N SER A 54 -15.73 -15.85 -8.13
CA SER A 54 -15.69 -16.62 -9.35
C SER A 54 -16.71 -16.10 -10.37
N ALA A 55 -17.90 -15.80 -9.90
CA ALA A 55 -18.96 -15.29 -10.78
C ALA A 55 -18.53 -13.98 -11.44
N LEU A 56 -17.94 -13.08 -10.65
CA LEU A 56 -17.52 -11.79 -11.19
C LEU A 56 -16.32 -11.89 -12.12
N LYS A 57 -15.40 -12.81 -11.84
CA LYS A 57 -14.24 -12.97 -12.71
C LYS A 57 -14.69 -13.35 -14.11
N SER A 58 -15.74 -14.15 -14.19
CA SER A 58 -16.28 -14.59 -15.47
C SER A 58 -17.08 -13.48 -16.16
N ALA A 59 -17.84 -12.73 -15.36
CA ALA A 59 -18.68 -11.66 -15.89
C ALA A 59 -17.95 -10.37 -16.25
N LEU A 60 -16.85 -10.09 -15.55
CA LEU A 60 -16.10 -8.87 -15.82
C LEU A 60 -14.81 -9.09 -16.60
N SER A 61 -14.12 -8.01 -16.91
CA SER A 61 -12.87 -8.10 -17.65
C SER A 61 -12.04 -6.84 -17.54
N GLY A 62 -10.81 -6.91 -18.02
CA GLY A 62 -9.92 -5.75 -17.99
C GLY A 62 -9.66 -5.15 -16.63
N HIS A 63 -9.33 -3.85 -16.63
CA HIS A 63 -9.03 -3.13 -15.40
C HIS A 63 -10.16 -3.17 -14.38
N LEU A 64 -11.41 -3.15 -14.85
CA LEU A 64 -12.54 -3.20 -13.92
C LEU A 64 -12.53 -4.48 -13.12
N GLU A 65 -12.29 -5.61 -13.79
CA GLU A 65 -12.24 -6.90 -13.11
C GLU A 65 -11.20 -6.86 -12.00
N THR A 66 -10.04 -6.28 -12.31
CA THR A 66 -8.95 -6.19 -11.35
C THR A 66 -9.37 -5.42 -10.11
N VAL A 67 -10.03 -4.29 -10.31
CA VAL A 67 -10.50 -3.47 -9.19
C VAL A 67 -11.52 -4.22 -8.34
N ILE A 68 -12.56 -4.75 -8.98
CA ILE A 68 -13.60 -5.47 -8.27
C ILE A 68 -13.07 -6.68 -7.50
N LEU A 69 -12.29 -7.53 -8.15
CA LEU A 69 -11.76 -8.70 -7.47
C LEU A 69 -10.86 -8.32 -6.30
N GLY A 70 -10.15 -7.21 -6.45
CA GLY A 70 -9.28 -6.74 -5.38
C GLY A 70 -10.10 -6.29 -4.18
N LEU A 71 -11.19 -5.58 -4.45
CA LEU A 71 -12.07 -5.09 -3.39
C LEU A 71 -12.73 -6.22 -2.60
N LEU A 72 -12.97 -7.35 -3.25
CA LEU A 72 -13.62 -8.48 -2.59
C LEU A 72 -12.74 -9.18 -1.55
N LYS A 73 -11.43 -9.02 -1.65
CA LYS A 73 -10.52 -9.64 -0.68
C LYS A 73 -10.44 -8.81 0.59
N THR A 74 -10.16 -9.44 1.73
CA THR A 74 -10.03 -8.71 2.98
C THR A 74 -8.72 -7.94 2.82
N PRO A 75 -8.48 -6.93 3.67
CA PRO A 75 -7.24 -6.16 3.57
C PRO A 75 -5.98 -7.03 3.59
N ALA A 76 -5.94 -7.99 4.50
CA ALA A 76 -4.78 -8.86 4.60
C ALA A 76 -4.66 -9.76 3.39
N GLN A 77 -5.77 -10.33 2.92
CA GLN A 77 -5.75 -11.21 1.76
C GLN A 77 -5.27 -10.45 0.53
N TYR A 78 -5.76 -9.23 0.38
CA TYR A 78 -5.38 -8.41 -0.76
C TYR A 78 -3.87 -8.13 -0.72
N ASP A 79 -3.38 -7.66 0.41
CA ASP A 79 -1.95 -7.35 0.54
C ASP A 79 -1.11 -8.60 0.29
N ALA A 80 -1.55 -9.71 0.86
CA ALA A 80 -0.83 -10.97 0.68
C ALA A 80 -0.75 -11.34 -0.79
N SER A 81 -1.88 -11.25 -1.49
CA SER A 81 -1.90 -11.59 -2.91
C SER A 81 -1.08 -10.60 -3.75
N GLU A 82 -1.07 -9.34 -3.35
CA GLU A 82 -0.30 -8.34 -4.10
C GLU A 82 1.20 -8.60 -3.93
N LEU A 83 1.61 -9.01 -2.73
CA LEU A 83 3.00 -9.30 -2.46
C LEU A 83 3.43 -10.48 -3.32
N LYS A 84 2.61 -11.53 -3.32
CA LYS A 84 2.89 -12.73 -4.10
C LYS A 84 3.09 -12.36 -5.58
N ALA A 85 2.24 -11.47 -6.09
CA ALA A 85 2.33 -11.04 -7.48
C ALA A 85 3.64 -10.30 -7.76
N SER A 86 4.08 -9.47 -6.82
CA SER A 86 5.31 -8.70 -7.01
C SER A 86 6.55 -9.59 -7.01
N MET A 87 6.48 -10.72 -6.31
CA MET A 87 7.63 -11.63 -6.23
C MET A 87 7.52 -12.79 -7.21
N LYS A 88 6.45 -12.81 -8.00
CA LYS A 88 6.22 -13.85 -9.00
C LYS A 88 7.42 -14.00 -9.92
N GLY A 89 7.84 -15.23 -10.15
CA GLY A 89 8.97 -15.48 -11.02
C GLY A 89 10.23 -14.85 -10.47
N LEU A 90 10.86 -13.99 -11.26
CA LEU A 90 12.07 -13.31 -10.82
C LEU A 90 11.73 -12.02 -10.08
N GLY A 91 10.47 -11.89 -9.70
CA GLY A 91 10.00 -10.72 -8.97
C GLY A 91 10.79 -9.45 -9.24
N THR A 92 10.79 -9.02 -10.50
CA THR A 92 11.50 -7.81 -10.89
C THR A 92 10.78 -6.53 -10.45
N ASP A 93 9.53 -6.67 -10.01
CA ASP A 93 8.77 -5.52 -9.55
C ASP A 93 9.05 -5.21 -8.08
N GLU A 94 10.26 -4.77 -7.80
CA GLU A 94 10.68 -4.43 -6.45
C GLU A 94 9.89 -3.27 -5.90
N ASP A 95 9.49 -2.35 -6.77
CA ASP A 95 8.75 -1.17 -6.33
C ASP A 95 7.46 -1.53 -5.61
N SER A 96 6.73 -2.54 -6.10
CA SER A 96 5.50 -2.94 -5.45
C SER A 96 5.76 -3.61 -4.09
N LEU A 97 6.77 -4.47 -4.04
CA LEU A 97 7.14 -5.15 -2.81
C LEU A 97 7.49 -4.07 -1.77
N ILE A 98 8.27 -3.10 -2.20
CA ILE A 98 8.71 -2.01 -1.34
C ILE A 98 7.54 -1.19 -0.80
N GLU A 99 6.65 -0.78 -1.69
CA GLU A 99 5.49 0.02 -1.31
C GLU A 99 4.69 -0.63 -0.17
N ILE A 100 4.35 -1.90 -0.34
CA ILE A 100 3.58 -2.60 0.67
C ILE A 100 4.31 -2.79 1.98
N ILE A 101 5.51 -3.34 1.92
CA ILE A 101 6.28 -3.60 3.12
C ILE A 101 6.70 -2.36 3.89
N CYS A 102 7.03 -1.29 3.17
CA CYS A 102 7.44 -0.05 3.84
C CYS A 102 6.30 0.77 4.42
N SER A 103 5.06 0.47 4.02
CA SER A 103 3.94 1.28 4.51
C SER A 103 2.99 0.62 5.52
N ARG A 104 2.99 -0.71 5.60
CA ARG A 104 2.11 -1.38 6.54
C ARG A 104 2.59 -1.25 7.99
N THR A 105 1.63 -1.24 8.91
CA THR A 105 1.90 -1.13 10.34
C THR A 105 2.16 -2.51 10.94
N ASN A 106 2.57 -2.54 12.20
CA ASN A 106 2.81 -3.82 12.88
C ASN A 106 1.57 -4.68 12.80
N GLN A 107 0.42 -4.10 13.14
CA GLN A 107 -0.84 -4.83 13.13
C GLN A 107 -1.19 -5.39 11.75
N GLU A 108 -1.00 -4.56 10.72
CA GLU A 108 -1.30 -5.00 9.36
C GLU A 108 -0.37 -6.13 8.94
N LEU A 109 0.91 -5.99 9.21
CA LEU A 109 1.91 -6.99 8.85
C LEU A 109 1.71 -8.31 9.58
N GLN A 110 1.24 -8.24 10.82
CA GLN A 110 1.01 -9.46 11.61
C GLN A 110 -0.05 -10.30 10.90
N GLU A 111 -1.11 -9.64 10.46
CA GLU A 111 -2.19 -10.35 9.77
C GLU A 111 -1.76 -10.80 8.38
N ILE A 112 -0.96 -9.98 7.71
CA ILE A 112 -0.47 -10.32 6.37
C ILE A 112 0.42 -11.57 6.43
N ASN A 113 1.30 -11.64 7.42
CA ASN A 113 2.17 -12.80 7.56
C ASN A 113 1.34 -14.07 7.78
N ARG A 114 0.31 -13.95 8.60
CA ARG A 114 -0.56 -15.09 8.90
C ARG A 114 -1.34 -15.56 7.68
N VAL A 115 -2.02 -14.63 7.02
CA VAL A 115 -2.80 -14.96 5.84
C VAL A 115 -1.93 -15.45 4.67
N TYR A 116 -0.75 -14.85 4.52
CA TYR A 116 0.14 -15.24 3.44
C TYR A 116 0.52 -16.72 3.61
N LYS A 117 0.78 -17.11 4.84
CA LYS A 117 1.16 -18.49 5.16
C LYS A 117 0.01 -19.45 4.90
N GLU A 118 -1.21 -19.02 5.20
CA GLU A 118 -2.40 -19.84 4.99
C GLU A 118 -2.73 -20.01 3.52
N MET A 119 -2.55 -18.93 2.75
CA MET A 119 -2.85 -18.93 1.33
C MET A 119 -1.82 -19.62 0.44
N TYR A 120 -0.55 -19.40 0.71
CA TYR A 120 0.51 -19.97 -0.13
C TYR A 120 1.33 -21.07 0.50
N LYS A 121 0.97 -21.46 1.72
CA LYS A 121 1.66 -22.53 2.42
C LYS A 121 3.18 -22.33 2.51
N THR A 122 3.59 -21.09 2.73
CA THR A 122 5.00 -20.77 2.85
C THR A 122 5.11 -19.45 3.61
N ASP A 123 6.24 -19.23 4.27
CA ASP A 123 6.44 -18.00 5.02
C ASP A 123 6.74 -16.84 4.08
N LEU A 124 6.11 -15.70 4.33
CA LEU A 124 6.32 -14.52 3.50
C LEU A 124 7.81 -14.19 3.49
N GLU A 125 8.46 -14.36 4.63
CA GLU A 125 9.87 -14.08 4.78
C GLU A 125 10.73 -14.86 3.79
N LYS A 126 10.37 -16.11 3.52
CA LYS A 126 11.13 -16.94 2.60
C LYS A 126 11.03 -16.46 1.16
N ASP A 127 9.85 -16.00 0.75
CA ASP A 127 9.71 -15.50 -0.61
C ASP A 127 10.43 -14.17 -0.75
N ILE A 128 10.43 -13.37 0.31
CA ILE A 128 11.12 -12.09 0.27
C ILE A 128 12.61 -12.35 0.06
N ILE A 129 13.14 -13.29 0.82
CA ILE A 129 14.56 -13.65 0.70
C ILE A 129 14.92 -14.04 -0.73
N SER A 130 14.02 -14.76 -1.39
CA SER A 130 14.24 -15.20 -2.76
C SER A 130 14.17 -14.08 -3.81
N ASP A 131 13.52 -12.97 -3.47
CA ASP A 131 13.40 -11.87 -4.40
C ASP A 131 14.21 -10.64 -3.96
N THR A 132 15.13 -10.85 -3.02
CA THR A 132 15.98 -9.77 -2.53
C THR A 132 17.39 -10.27 -2.22
N SER A 133 18.32 -9.33 -2.06
CA SER A 133 19.71 -9.69 -1.77
C SER A 133 20.43 -8.56 -1.05
N GLY A 134 21.61 -8.85 -0.51
CA GLY A 134 22.39 -7.85 0.18
C GLY A 134 21.66 -7.18 1.34
N ASP A 135 21.97 -5.90 1.57
CA ASP A 135 21.33 -5.16 2.64
C ASP A 135 19.88 -4.87 2.33
N PHE A 136 19.52 -4.91 1.05
CA PHE A 136 18.13 -4.68 0.63
C PHE A 136 17.30 -5.79 1.27
N ARG A 137 17.83 -7.01 1.20
CA ARG A 137 17.14 -8.16 1.79
C ARG A 137 17.00 -7.98 3.29
N LYS A 138 18.08 -7.60 3.94
CA LYS A 138 18.08 -7.40 5.39
C LYS A 138 17.06 -6.37 5.83
N LEU A 139 16.95 -5.28 5.08
CA LEU A 139 15.99 -4.22 5.39
C LEU A 139 14.55 -4.72 5.20
N MET A 140 14.27 -5.32 4.06
CA MET A 140 12.92 -5.80 3.78
C MET A 140 12.49 -6.89 4.77
N VAL A 141 13.39 -7.83 5.07
CA VAL A 141 13.08 -8.90 6.00
C VAL A 141 12.77 -8.33 7.37
N ALA A 142 13.54 -7.33 7.80
CA ALA A 142 13.34 -6.72 9.10
C ALA A 142 11.98 -6.01 9.17
N LEU A 143 11.68 -5.22 8.14
CA LEU A 143 10.41 -4.50 8.10
C LEU A 143 9.22 -5.44 8.11
N ALA A 144 9.30 -6.50 7.31
CA ALA A 144 8.22 -7.47 7.19
C ALA A 144 7.82 -8.16 8.50
N LYS A 145 8.73 -8.19 9.48
CA LYS A 145 8.41 -8.82 10.76
C LYS A 145 7.32 -8.06 11.50
N GLY A 146 7.19 -6.77 11.20
CA GLY A 146 6.18 -5.96 11.87
C GLY A 146 6.42 -5.90 13.36
N ARG A 147 7.67 -5.74 13.76
CA ARG A 147 8.02 -5.69 15.18
C ARG A 147 8.59 -4.34 15.61
N ARG A 148 8.06 -3.27 15.03
CA ARG A 148 8.49 -1.91 15.37
C ARG A 148 8.14 -1.66 16.83
N ALA A 149 9.01 -0.96 17.55
CA ALA A 149 8.77 -0.66 18.96
C ALA A 149 7.48 0.13 19.16
N GLU A 150 6.83 -0.09 20.29
CA GLU A 150 5.59 0.60 20.62
C GLU A 150 5.93 2.04 21.01
N ASP A 151 4.89 2.86 21.13
CA ASP A 151 5.06 4.25 21.51
C ASP A 151 5.13 4.34 23.03
N GLY A 152 6.16 4.98 23.55
CA GLY A 152 6.30 5.10 24.99
C GLY A 152 5.34 6.12 25.57
N SER A 153 5.15 6.08 26.88
CA SER A 153 4.26 7.02 27.56
C SER A 153 4.91 8.40 27.58
N VAL A 154 6.24 8.42 27.56
CA VAL A 154 7.00 9.67 27.58
C VAL A 154 8.00 9.68 26.43
N ILE A 155 8.18 10.85 25.81
CA ILE A 155 9.11 10.98 24.70
C ILE A 155 10.55 10.95 25.20
N ASP A 156 11.38 10.15 24.54
CA ASP A 156 12.79 10.01 24.92
C ASP A 156 13.68 10.88 24.03
N TYR A 157 13.75 12.17 24.35
CA TYR A 157 14.55 13.12 23.58
C TYR A 157 16.02 12.73 23.52
N GLU A 158 16.52 12.14 24.59
CA GLU A 158 17.91 11.72 24.63
C GLU A 158 18.17 10.66 23.56
N LEU A 159 17.21 9.75 23.38
CA LEU A 159 17.36 8.70 22.37
C LEU A 159 17.17 9.29 20.98
N ILE A 160 16.20 10.19 20.84
CA ILE A 160 15.94 10.84 19.56
C ILE A 160 17.24 11.49 19.09
N ASP A 161 17.88 12.24 19.97
CA ASP A 161 19.14 12.90 19.63
C ASP A 161 20.20 11.86 19.32
N GLN A 162 20.23 10.80 20.12
CA GLN A 162 21.19 9.72 19.95
C GLN A 162 21.05 9.10 18.57
N ASP A 163 19.83 8.71 18.21
CA ASP A 163 19.58 8.09 16.92
C ASP A 163 19.97 9.03 15.78
N ALA A 164 19.63 10.31 15.91
CA ALA A 164 19.95 11.30 14.89
C ALA A 164 21.44 11.38 14.62
N ARG A 165 22.24 11.44 15.69
CA ARG A 165 23.68 11.52 15.52
C ARG A 165 24.22 10.20 14.98
N ASP A 166 23.64 9.09 15.41
CA ASP A 166 24.08 7.78 14.93
C ASP A 166 23.84 7.67 13.42
N LEU A 167 22.67 8.11 12.97
CA LEU A 167 22.37 8.06 11.54
C LEU A 167 23.39 8.88 10.76
N TYR A 168 23.74 10.04 11.31
CA TYR A 168 24.72 10.91 10.66
C TYR A 168 26.10 10.26 10.66
N ASP A 169 26.54 9.78 11.82
CA ASP A 169 27.85 9.13 11.93
C ASP A 169 27.97 7.93 10.99
N ALA A 170 26.86 7.23 10.79
CA ALA A 170 26.86 6.04 9.94
C ALA A 170 26.85 6.29 8.44
N GLY A 171 26.55 7.51 8.02
CA GLY A 171 26.50 7.79 6.59
C GLY A 171 27.31 8.94 6.04
N VAL A 172 26.67 10.10 5.94
CA VAL A 172 27.28 11.30 5.40
C VAL A 172 28.60 11.72 6.04
N LYS A 173 28.72 11.51 7.34
CA LYS A 173 29.93 11.90 8.07
C LYS A 173 31.17 11.07 7.75
N ARG A 174 30.97 9.80 7.43
CA ARG A 174 32.08 8.89 7.15
C ARG A 174 32.14 8.39 5.70
N LYS A 175 33.32 7.89 5.33
CA LYS A 175 33.51 7.33 3.99
C LYS A 175 32.71 6.03 4.02
N GLY A 176 32.02 5.72 2.92
CA GLY A 176 31.23 4.50 2.91
C GLY A 176 29.98 4.67 3.76
N THR A 177 29.36 3.57 4.16
CA THR A 177 28.16 3.62 4.98
C THR A 177 27.99 2.40 5.89
N ASP A 178 27.51 2.64 7.10
CA ASP A 178 27.25 1.55 8.05
C ASP A 178 25.76 1.23 7.90
N VAL A 179 25.41 0.56 6.82
CA VAL A 179 24.02 0.21 6.53
C VAL A 179 23.29 -0.49 7.68
N PRO A 180 23.95 -1.46 8.35
CA PRO A 180 23.26 -2.13 9.46
C PRO A 180 22.75 -1.15 10.51
N LYS A 181 23.50 -0.09 10.77
CA LYS A 181 23.09 0.90 11.76
C LYS A 181 21.82 1.60 11.28
N TRP A 182 21.79 1.96 10.00
CA TRP A 182 20.61 2.61 9.42
C TRP A 182 19.40 1.69 9.51
N ILE A 183 19.61 0.41 9.20
CA ILE A 183 18.52 -0.56 9.24
C ILE A 183 17.96 -0.74 10.64
N SER A 184 18.83 -0.93 11.62
CA SER A 184 18.40 -1.12 12.99
C SER A 184 17.52 0.02 13.50
N ILE A 185 17.99 1.24 13.30
CA ILE A 185 17.27 2.41 13.77
C ILE A 185 15.95 2.64 13.03
N MET A 186 15.99 2.53 11.71
CA MET A 186 14.79 2.76 10.91
C MET A 186 13.74 1.65 10.92
N THR A 187 14.08 0.48 11.44
CA THR A 187 13.11 -0.62 11.51
C THR A 187 12.64 -0.89 12.94
N GLU A 188 13.51 -0.64 13.91
CA GLU A 188 13.19 -0.91 15.32
C GLU A 188 12.45 0.18 16.09
N ARG A 189 12.73 1.44 15.81
CA ARG A 189 12.08 2.54 16.53
C ARG A 189 10.65 2.75 16.01
N SER A 190 9.82 3.38 16.82
CA SER A 190 8.44 3.65 16.44
C SER A 190 8.42 4.73 15.37
N VAL A 191 7.38 4.75 14.55
CA VAL A 191 7.27 5.75 13.49
C VAL A 191 7.33 7.17 14.04
N PRO A 192 6.52 7.47 15.08
CA PRO A 192 6.52 8.82 15.67
C PRO A 192 7.91 9.24 16.13
N HIS A 193 8.61 8.31 16.78
CA HIS A 193 9.96 8.56 17.27
C HIS A 193 10.86 8.93 16.10
N LEU A 194 10.78 8.15 15.03
CA LEU A 194 11.60 8.40 13.85
C LEU A 194 11.27 9.72 13.14
N GLN A 195 10.01 10.14 13.21
CA GLN A 195 9.65 11.41 12.58
C GLN A 195 10.46 12.51 13.25
N LYS A 196 10.61 12.40 14.58
CA LYS A 196 11.36 13.38 15.34
C LYS A 196 12.86 13.22 15.11
N VAL A 197 13.32 11.99 14.95
CA VAL A 197 14.73 11.76 14.70
C VAL A 197 15.14 12.42 13.37
N PHE A 198 14.31 12.24 12.36
CA PHE A 198 14.61 12.81 11.05
C PHE A 198 14.64 14.33 11.10
N ASP A 199 13.84 14.93 11.99
CA ASP A 199 13.83 16.38 12.13
C ASP A 199 15.12 16.81 12.80
N ARG A 200 15.48 16.11 13.88
CA ARG A 200 16.69 16.40 14.64
C ARG A 200 17.94 16.15 13.81
N TYR A 201 17.85 15.19 12.90
CA TYR A 201 18.95 14.84 12.01
C TYR A 201 19.46 16.06 11.25
N LYS A 202 18.55 16.95 10.90
CA LYS A 202 18.87 18.17 10.16
C LYS A 202 19.83 19.10 10.92
N SER A 203 20.00 18.84 12.21
CA SER A 203 20.90 19.66 13.02
C SER A 203 22.34 19.20 12.90
N TYR A 204 22.54 17.95 12.47
CA TYR A 204 23.87 17.40 12.32
C TYR A 204 24.33 17.26 10.88
N SER A 205 23.37 17.09 9.97
CA SER A 205 23.68 16.91 8.56
C SER A 205 23.21 18.03 7.65
N PRO A 206 24.04 18.41 6.66
CA PRO A 206 23.67 19.49 5.73
C PRO A 206 22.64 18.98 4.72
N TYR A 207 22.46 17.67 4.67
CA TYR A 207 21.49 17.06 3.77
C TYR A 207 20.40 16.42 4.61
N ASP A 208 19.14 16.56 4.22
CA ASP A 208 18.07 15.95 5.01
C ASP A 208 18.17 14.43 4.83
N MET A 209 17.36 13.69 5.58
CA MET A 209 17.43 12.23 5.51
C MET A 209 17.31 11.67 4.10
N LEU A 210 16.35 12.18 3.32
CA LEU A 210 16.16 11.69 1.95
C LEU A 210 17.36 11.95 1.05
N GLU A 211 17.87 13.17 1.04
CA GLU A 211 19.02 13.47 0.20
C GLU A 211 20.23 12.68 0.66
N SER A 212 20.32 12.39 1.95
CA SER A 212 21.44 11.62 2.47
C SER A 212 21.39 10.21 1.92
N ILE A 213 20.19 9.70 1.72
CA ILE A 213 20.02 8.35 1.17
C ILE A 213 20.50 8.34 -0.28
N ARG A 214 20.10 9.35 -1.05
CA ARG A 214 20.50 9.44 -2.45
C ARG A 214 22.02 9.54 -2.64
N LYS A 215 22.71 10.05 -1.63
CA LYS A 215 24.16 10.19 -1.73
C LYS A 215 24.92 8.99 -1.18
N GLU A 216 24.33 8.31 -0.21
CA GLU A 216 24.97 7.17 0.43
C GLU A 216 24.80 5.82 -0.25
N VAL A 217 23.58 5.49 -0.66
CA VAL A 217 23.32 4.19 -1.30
C VAL A 217 22.68 4.29 -2.68
N LYS A 218 22.59 3.15 -3.37
CA LYS A 218 22.02 3.10 -4.70
C LYS A 218 21.14 1.86 -4.92
N GLY A 219 20.57 1.77 -6.12
CA GLY A 219 19.73 0.63 -6.46
C GLY A 219 18.49 0.42 -5.62
N ASP A 220 18.08 -0.84 -5.49
CA ASP A 220 16.89 -1.17 -4.71
C ASP A 220 17.04 -0.82 -3.24
N LEU A 221 18.25 -0.92 -2.71
CA LEU A 221 18.47 -0.57 -1.31
C LEU A 221 18.12 0.90 -1.16
N GLU A 222 18.59 1.72 -2.09
CA GLU A 222 18.31 3.16 -2.05
C GLU A 222 16.81 3.42 -2.13
N ASN A 223 16.17 2.83 -3.13
CA ASN A 223 14.75 3.01 -3.31
C ASN A 223 13.96 2.58 -2.08
N ALA A 224 14.34 1.46 -1.48
CA ALA A 224 13.64 0.97 -0.30
C ALA A 224 13.75 2.00 0.84
N PHE A 225 14.96 2.53 1.05
CA PHE A 225 15.16 3.54 2.08
C PHE A 225 14.35 4.81 1.78
N LEU A 226 14.33 5.23 0.52
CA LEU A 226 13.61 6.44 0.13
C LEU A 226 12.11 6.29 0.39
N ASN A 227 11.57 5.13 0.05
CA ASN A 227 10.15 4.88 0.26
C ASN A 227 9.83 4.83 1.75
N LEU A 228 10.68 4.16 2.52
CA LEU A 228 10.48 4.03 3.96
C LEU A 228 10.48 5.38 4.67
N VAL A 229 11.49 6.19 4.41
CA VAL A 229 11.58 7.50 5.04
C VAL A 229 10.39 8.39 4.65
N GLN A 230 10.04 8.41 3.36
CA GLN A 230 8.90 9.20 2.92
C GLN A 230 7.64 8.79 3.66
N CYS A 231 7.40 7.48 3.70
CA CYS A 231 6.22 6.97 4.37
C CYS A 231 6.20 7.32 5.85
N ILE A 232 7.37 7.26 6.49
CA ILE A 232 7.46 7.60 7.91
C ILE A 232 7.19 9.09 8.12
N GLN A 233 7.82 9.93 7.30
CA GLN A 233 7.64 11.37 7.43
C GLN A 233 6.19 11.82 7.20
N ASN A 234 5.55 11.25 6.19
CA ASN A 234 4.17 11.63 5.86
C ASN A 234 3.57 10.55 4.98
N LYS A 235 2.87 9.59 5.59
CA LYS A 235 2.28 8.48 4.83
C LYS A 235 1.26 8.92 3.79
N PRO A 236 0.32 9.82 4.15
CA PRO A 236 -0.67 10.24 3.14
C PRO A 236 0.00 10.85 1.90
N LEU A 237 1.01 11.69 2.14
CA LEU A 237 1.73 12.33 1.04
C LEU A 237 2.47 11.26 0.21
N TYR A 238 3.03 10.28 0.90
CA TYR A 238 3.74 9.19 0.23
C TYR A 238 2.82 8.53 -0.80
N PHE A 239 1.62 8.17 -0.37
CA PHE A 239 0.67 7.55 -1.29
C PHE A 239 0.21 8.53 -2.35
N ALA A 240 0.10 9.81 -1.99
CA ALA A 240 -0.31 10.83 -2.97
C ALA A 240 0.75 10.90 -4.08
N ASP A 241 2.03 10.83 -3.69
CA ASP A 241 3.11 10.90 -4.68
C ASP A 241 3.13 9.64 -5.55
N ARG A 242 2.90 8.47 -4.94
CA ARG A 242 2.90 7.23 -5.70
C ARG A 242 1.75 7.27 -6.71
N LEU A 243 0.60 7.80 -6.29
CA LEU A 243 -0.56 7.92 -7.16
C LEU A 243 -0.24 8.84 -8.34
N TYR A 244 0.34 9.99 -8.04
CA TYR A 244 0.70 10.95 -9.08
C TYR A 244 1.62 10.26 -10.09
N ASP A 245 2.64 9.57 -9.59
CA ASP A 245 3.58 8.86 -10.44
C ASP A 245 2.89 7.81 -11.29
N SER A 246 1.85 7.19 -10.75
CA SER A 246 1.13 6.15 -11.50
C SER A 246 0.29 6.68 -12.66
N MET A 247 0.06 8.00 -12.69
CA MET A 247 -0.76 8.58 -13.77
C MET A 247 -0.10 9.65 -14.63
N LYS A 248 0.99 10.24 -14.14
CA LYS A 248 1.65 11.30 -14.90
C LYS A 248 2.16 10.83 -16.27
N GLY A 249 2.14 11.74 -17.24
CA GLY A 249 2.61 11.40 -18.56
C GLY A 249 1.73 10.40 -19.30
N LYS A 250 2.23 9.90 -20.43
CA LYS A 250 1.49 8.93 -21.23
C LYS A 250 1.15 7.68 -20.43
N GLY A 251 0.02 7.08 -20.76
CA GLY A 251 -0.40 5.86 -20.10
C GLY A 251 -0.69 5.92 -18.61
N THR A 252 -0.82 4.74 -18.02
CA THR A 252 -1.12 4.60 -16.61
C THR A 252 -0.49 3.32 -16.06
N ARG A 253 0.03 3.40 -14.83
CA ARG A 253 0.59 2.21 -14.19
C ARG A 253 -0.56 1.70 -13.32
N ASP A 254 -1.50 1.03 -13.95
CA ASP A 254 -2.69 0.51 -13.29
C ASP A 254 -2.45 -0.33 -12.05
N LYS A 255 -1.40 -1.14 -12.06
CA LYS A 255 -1.09 -1.97 -10.90
C LYS A 255 -0.98 -1.15 -9.63
N VAL A 256 -0.31 -0.01 -9.73
CA VAL A 256 -0.13 0.88 -8.58
C VAL A 256 -1.41 1.64 -8.26
N LEU A 257 -1.99 2.25 -9.28
CA LEU A 257 -3.22 3.02 -9.13
C LEU A 257 -4.31 2.17 -8.46
N ILE A 258 -4.56 0.98 -8.97
CA ILE A 258 -5.59 0.12 -8.39
C ILE A 258 -5.26 -0.29 -6.96
N ARG A 259 -4.04 -0.80 -6.74
CA ARG A 259 -3.67 -1.24 -5.39
C ARG A 259 -3.85 -0.16 -4.34
N ILE A 260 -3.38 1.05 -4.62
CA ILE A 260 -3.50 2.14 -3.65
C ILE A 260 -4.96 2.55 -3.42
N MET A 261 -5.72 2.71 -4.49
CA MET A 261 -7.12 3.09 -4.32
C MET A 261 -7.88 2.02 -3.55
N VAL A 262 -7.62 0.76 -3.85
CA VAL A 262 -8.29 -0.32 -3.14
C VAL A 262 -7.85 -0.45 -1.69
N SER A 263 -6.54 -0.46 -1.44
CA SER A 263 -6.00 -0.63 -0.09
C SER A 263 -6.12 0.56 0.86
N ARG A 264 -6.20 1.78 0.34
CA ARG A 264 -6.29 2.94 1.21
C ARG A 264 -7.64 3.62 1.20
N SER A 265 -8.57 3.12 0.39
CA SER A 265 -9.90 3.74 0.30
C SER A 265 -10.60 3.89 1.65
N GLU A 266 -10.42 2.92 2.53
CA GLU A 266 -11.04 2.93 3.86
C GLU A 266 -10.04 3.24 4.97
N VAL A 267 -8.84 3.66 4.62
CA VAL A 267 -7.83 3.95 5.62
C VAL A 267 -7.58 5.45 5.81
N ASP A 268 -7.00 6.09 4.81
CA ASP A 268 -6.69 7.50 4.90
C ASP A 268 -6.83 8.26 3.58
N MET A 269 -7.82 7.87 2.76
CA MET A 269 -8.02 8.51 1.47
C MET A 269 -8.26 10.02 1.56
N LEU A 270 -8.95 10.45 2.62
CA LEU A 270 -9.23 11.87 2.80
C LEU A 270 -7.92 12.65 2.91
N LYS A 271 -6.98 12.12 3.69
CA LYS A 271 -5.69 12.76 3.87
C LYS A 271 -4.87 12.68 2.59
N ILE A 272 -4.94 11.54 1.91
CA ILE A 272 -4.22 11.39 0.64
C ILE A 272 -4.71 12.45 -0.36
N ARG A 273 -6.03 12.62 -0.42
CA ARG A 273 -6.61 13.61 -1.33
C ARG A 273 -6.13 15.02 -1.02
N SER A 274 -6.14 15.36 0.26
CA SER A 274 -5.70 16.69 0.71
C SER A 274 -4.25 16.97 0.32
N GLU A 275 -3.37 15.99 0.58
CA GLU A 275 -1.95 16.14 0.25
C GLU A 275 -1.77 16.21 -1.26
N PHE A 276 -2.54 15.40 -1.99
CA PHE A 276 -2.43 15.39 -3.44
C PHE A 276 -2.75 16.77 -4.00
N LYS A 277 -3.92 17.30 -3.63
CA LYS A 277 -4.35 18.62 -4.10
C LYS A 277 -3.34 19.72 -3.76
N ARG A 278 -2.86 19.72 -2.52
CA ARG A 278 -1.90 20.72 -2.08
C ARG A 278 -0.64 20.74 -2.93
N LYS A 279 -0.16 19.56 -3.30
CA LYS A 279 1.07 19.48 -4.08
C LYS A 279 0.91 19.57 -5.59
N TYR A 280 -0.12 18.93 -6.14
CA TYR A 280 -0.29 18.91 -7.58
C TYR A 280 -1.28 19.89 -8.20
N GLY A 281 -1.93 20.70 -7.38
CA GLY A 281 -2.85 21.69 -7.90
C GLY A 281 -4.24 21.18 -8.23
N LYS A 282 -4.31 20.02 -8.88
CA LYS A 282 -5.58 19.42 -9.24
C LYS A 282 -5.93 18.36 -8.19
N SER A 283 -7.19 17.97 -8.16
CA SER A 283 -7.64 16.95 -7.20
C SER A 283 -7.26 15.57 -7.71
N LEU A 284 -7.27 14.60 -6.81
CA LEU A 284 -6.97 13.22 -7.17
C LEU A 284 -8.09 12.78 -8.11
N TYR A 285 -9.30 13.22 -7.81
CA TYR A 285 -10.49 12.90 -8.59
C TYR A 285 -10.26 13.31 -10.03
N TYR A 286 -9.78 14.54 -10.22
CA TYR A 286 -9.50 15.05 -11.56
C TYR A 286 -8.49 14.17 -12.30
N TYR A 287 -7.39 13.82 -11.62
CA TYR A 287 -6.37 12.97 -12.25
C TYR A 287 -6.92 11.61 -12.69
N ILE A 288 -7.70 10.98 -11.82
CA ILE A 288 -8.29 9.69 -12.14
C ILE A 288 -9.24 9.84 -13.32
N GLN A 289 -10.09 10.86 -13.26
CA GLN A 289 -11.07 11.12 -14.32
C GLN A 289 -10.39 11.28 -15.67
N GLN A 290 -9.22 11.92 -15.67
CA GLN A 290 -8.49 12.15 -16.91
C GLN A 290 -7.63 11.00 -17.40
N ASP A 291 -7.24 10.08 -16.51
CA ASP A 291 -6.37 8.97 -16.91
C ASP A 291 -7.07 7.64 -17.21
N THR A 292 -8.34 7.52 -16.84
CA THR A 292 -9.06 6.28 -17.08
C THR A 292 -10.44 6.55 -17.68
N LYS A 293 -11.10 5.51 -18.20
CA LYS A 293 -12.41 5.66 -18.81
C LYS A 293 -13.41 4.56 -18.41
N GLY A 294 -14.69 4.80 -18.71
CA GLY A 294 -15.73 3.82 -18.43
C GLY A 294 -16.00 3.37 -17.01
N ASP A 295 -16.45 2.12 -16.88
CA ASP A 295 -16.79 1.54 -15.57
C ASP A 295 -15.57 1.54 -14.66
N TYR A 296 -14.40 1.32 -15.25
CA TYR A 296 -13.14 1.30 -14.51
C TYR A 296 -12.96 2.66 -13.83
N GLN A 297 -13.18 3.72 -14.61
CA GLN A 297 -13.06 5.08 -14.09
C GLN A 297 -14.07 5.31 -12.96
N LYS A 298 -15.32 4.92 -13.20
CA LYS A 298 -16.39 5.08 -12.22
C LYS A 298 -16.01 4.43 -10.89
N ALA A 299 -15.52 3.20 -10.97
CA ALA A 299 -15.12 2.45 -9.79
C ALA A 299 -14.05 3.20 -9.00
N LEU A 300 -12.99 3.63 -9.68
CA LEU A 300 -11.91 4.34 -9.01
C LEU A 300 -12.37 5.67 -8.41
N LEU A 301 -13.27 6.38 -9.10
CA LEU A 301 -13.76 7.65 -8.60
C LEU A 301 -14.61 7.44 -7.34
N TYR A 302 -15.29 6.31 -7.25
CA TYR A 302 -16.07 6.02 -6.06
C TYR A 302 -15.12 5.75 -4.90
N LEU A 303 -14.05 5.00 -5.17
CA LEU A 303 -13.09 4.71 -4.12
C LEU A 303 -12.38 5.99 -3.68
N CYS A 304 -12.29 6.97 -4.59
CA CYS A 304 -11.66 8.25 -4.29
C CYS A 304 -12.46 8.96 -3.20
N GLY A 305 -13.77 8.77 -3.22
CA GLY A 305 -14.62 9.38 -2.20
C GLY A 305 -15.15 10.76 -2.52
N GLY A 306 -14.70 11.34 -3.62
CA GLY A 306 -15.17 12.67 -3.99
C GLY A 306 -14.08 13.56 -4.54
N ASP A 307 -14.49 14.73 -5.01
CA ASP A 307 -13.57 15.70 -5.59
C ASP A 307 -13.12 16.73 -4.55
N ASP A 308 -12.04 17.47 -4.86
CA ASP A 308 -11.51 18.46 -3.94
C ASP A 308 -11.26 19.79 -4.66
#